data_4ZUD
#
_entry.id   4ZUD
#
_cell.length_a   41.200
_cell.length_b   41.200
_cell.length_c   251.160
_cell.angle_alpha   90.00
_cell.angle_beta   90.00
_cell.angle_gamma   120.00
#
_symmetry.space_group_name_H-M   'P 32'
#
loop_
_entity.id
_entity.type
_entity.pdbx_description
1 polymer 'Chimera protein of Soluble cytochrome b562 and Type-1 angiotensin II receptor'
2 non-polymer Olmesartan
#
_entity_poly.entity_id   1
_entity_poly.type   'polypeptide(L)'
_entity_poly.pdbx_seq_one_letter_code
;ADLEDNWETLNDNLKVIEKADNAAQVKDALTKMRAAALDAQKATPPKLEDKSPDSPEMKDFRHGFDILVGQIDDALKLAN
EGKVKEAQAAAEQLKTTRNAYIQKYLILNSSDCPKAGRHNYIFVMIPTLYSIIFVVGIFGNSLVVIVIYFYMKLKTVASV
FLLNLALADLCFLLTLPLWAVYTAMEYRWPFGNYLCKIASASVSFNLYASVFLLTCLSIDRYLAIVHPMKSRLRRTMLVA
KVTCIIIWLLAGLASLPAIIHRNVFFIENTNITVCAFHYESQNSTLPIGLGLTKNILGFLFPFLIILTSYTLIWKALKKA
YEIQKNKPRNDDIFKIIMAIVLFFFFSWIPHQIFTFLDVLIQLGIIRDCRIADIVDTAMPITICIAYFNNCLNPLFYGFL
GKKFKRYFLQ
;
_entity_poly.pdbx_strand_id   A
#
loop_
_chem_comp.id
_chem_comp.type
_chem_comp.name
_chem_comp.formula
OLM non-polymer Olmesartan 'C24 H26 N6 O3'
#
# COMPACT_ATOMS: atom_id res chain seq x y z
N ASP A 2 -8.34 -2.03 16.12
CA ASP A 2 -7.20 -1.08 15.97
C ASP A 2 -6.12 -1.33 17.03
N LEU A 3 -5.10 -2.11 16.66
CA LEU A 3 -4.04 -2.53 17.59
C LEU A 3 -2.99 -1.44 17.87
N GLU A 4 -2.69 -0.62 16.87
CA GLU A 4 -1.76 0.51 17.06
C GLU A 4 -2.33 1.58 18.00
N ASP A 5 -3.64 1.84 17.87
CA ASP A 5 -4.35 2.79 18.73
C ASP A 5 -4.39 2.34 20.20
N ASN A 6 -4.49 1.03 20.43
CA ASN A 6 -4.45 0.46 21.79
C ASN A 6 -3.12 0.78 22.49
N TRP A 7 -2.00 0.53 21.80
CA TRP A 7 -0.68 0.88 22.33
C TRP A 7 -0.51 2.38 22.52
N GLU A 8 -1.09 3.18 21.63
CA GLU A 8 -1.15 4.64 21.80
C GLU A 8 -1.98 5.03 23.03
N THR A 9 -3.12 4.37 23.22
CA THR A 9 -3.97 4.59 24.41
C THR A 9 -3.23 4.24 25.70
N LEU A 10 -2.53 3.10 25.70
CA LEU A 10 -1.77 2.66 26.88
C LEU A 10 -0.60 3.57 27.17
N ASN A 11 0.26 3.77 26.17
CA ASN A 11 1.44 4.65 26.30
C ASN A 11 1.10 6.09 26.71
N ASP A 12 -0.04 6.59 26.23
CA ASP A 12 -0.54 7.91 26.64
C ASP A 12 -1.07 7.91 28.08
N ASN A 13 -1.88 6.91 28.42
CA ASN A 13 -2.41 6.76 29.79
C ASN A 13 -1.29 6.51 30.80
N LEU A 14 -0.38 5.59 30.46
CA LEU A 14 0.79 5.28 31.32
C LEU A 14 1.58 6.54 31.73
N LYS A 15 1.65 7.51 30.82
CA LYS A 15 2.27 8.81 31.13
C LYS A 15 1.43 9.70 32.07
N VAL A 16 0.11 9.53 32.07
CA VAL A 16 -0.77 10.21 33.04
C VAL A 16 -0.55 9.69 34.46
N ILE A 17 -0.20 8.41 34.59
CA ILE A 17 0.15 7.82 35.90
C ILE A 17 1.45 8.43 36.43
N GLU A 18 2.45 8.59 35.56
CA GLU A 18 3.75 9.17 35.93
C GLU A 18 3.64 10.56 36.56
N LYS A 19 2.72 11.38 36.04
CA LYS A 19 2.48 12.74 36.55
C LYS A 19 1.20 12.85 37.41
N ALA A 20 0.88 11.79 38.16
CA ALA A 20 -0.36 11.72 38.95
C ALA A 20 -0.17 12.32 40.33
N ASP A 21 -1.30 12.56 41.00
CA ASP A 21 -1.33 13.11 42.36
C ASP A 21 -2.06 12.16 43.33
N ASN A 22 -3.33 11.90 43.05
CA ASN A 22 -4.20 11.11 43.95
C ASN A 22 -4.71 9.82 43.29
N ALA A 23 -5.31 8.95 44.12
CA ALA A 23 -5.75 7.61 43.70
C ALA A 23 -6.87 7.60 42.65
N ALA A 24 -7.72 8.64 42.65
CA ALA A 24 -8.80 8.76 41.67
C ALA A 24 -8.24 8.94 40.26
N GLN A 25 -7.30 9.89 40.11
CA GLN A 25 -6.62 10.12 38.83
C GLN A 25 -5.86 8.89 38.32
N VAL A 26 -5.32 8.09 39.24
CA VAL A 26 -4.64 6.84 38.91
C VAL A 26 -5.63 5.81 38.37
N LYS A 27 -6.70 5.55 39.13
CA LYS A 27 -7.72 4.57 38.74
C LYS A 27 -8.41 4.92 37.41
N ASP A 28 -8.75 6.19 37.23
CA ASP A 28 -9.38 6.68 35.99
C ASP A 28 -8.56 6.32 34.74
N ALA A 29 -7.23 6.47 34.85
CA ALA A 29 -6.31 6.10 33.77
C ALA A 29 -6.12 4.58 33.66
N LEU A 30 -6.07 3.89 34.80
CA LEU A 30 -5.91 2.43 34.83
C LEU A 30 -7.11 1.67 34.25
N THR A 31 -8.32 2.13 34.57
CA THR A 31 -9.56 1.51 34.07
C THR A 31 -9.69 1.60 32.54
N LYS A 32 -9.18 2.68 31.94
CA LYS A 32 -9.13 2.83 30.48
C LYS A 32 -8.07 1.93 29.82
N MET A 33 -6.94 1.75 30.49
CA MET A 33 -5.87 0.86 30.01
C MET A 33 -6.24 -0.62 30.04
N ARG A 34 -7.13 -0.99 30.96
CA ARG A 34 -7.62 -2.36 31.07
C ARG A 34 -8.52 -2.71 29.88
N ALA A 35 -9.32 -1.75 29.44
CA ALA A 35 -10.21 -1.93 28.28
C ALA A 35 -9.45 -2.09 26.96
N ALA A 36 -8.40 -1.28 26.78
CA ALA A 36 -7.59 -1.32 25.56
C ALA A 36 -6.81 -2.64 25.41
N ALA A 37 -6.39 -3.23 26.52
CA ALA A 37 -5.69 -4.52 26.50
C ALA A 37 -6.59 -5.65 26.02
N LEU A 38 -7.84 -5.66 26.50
CA LEU A 38 -8.84 -6.65 26.08
C LEU A 38 -9.25 -6.46 24.62
N ASP A 39 -9.43 -5.21 24.21
CA ASP A 39 -9.70 -4.87 22.81
C ASP A 39 -8.53 -5.27 21.90
N ALA A 40 -7.30 -5.11 22.40
CA ALA A 40 -6.08 -5.52 21.69
C ALA A 40 -5.94 -7.04 21.61
N GLN A 41 -6.31 -7.72 22.70
CA GLN A 41 -6.24 -9.19 22.80
C GLN A 41 -7.13 -9.92 21.79
N LYS A 42 -8.20 -9.27 21.32
CA LYS A 42 -9.03 -9.79 20.23
C LYS A 42 -8.36 -9.69 18.87
N ALA A 43 -7.47 -8.71 18.70
CA ALA A 43 -6.91 -8.37 17.39
C ALA A 43 -5.89 -9.40 16.89
N THR A 44 -5.42 -9.17 15.67
CA THR A 44 -4.38 -9.97 15.05
C THR A 44 -3.14 -9.07 14.88
N PRO A 45 -1.95 -9.55 15.32
CA PRO A 45 -0.75 -8.71 15.21
C PRO A 45 -0.20 -8.68 13.78
N PRO A 46 0.80 -7.82 13.53
CA PRO A 46 1.37 -7.71 12.19
C PRO A 46 1.93 -9.02 11.59
N LYS A 47 2.81 -9.71 12.32
CA LYS A 47 3.51 -10.87 11.72
C LYS A 47 2.71 -12.20 11.64
N LEU A 48 1.48 -12.23 12.16
CA LEU A 48 0.67 -13.46 12.20
C LEU A 48 -0.58 -13.33 11.31
N GLU A 49 -0.33 -13.30 10.00
CA GLU A 49 -1.37 -13.06 9.00
C GLU A 49 -1.98 -14.35 8.46
N ASP A 50 -1.11 -15.31 8.10
CA ASP A 50 -1.53 -16.60 7.54
C ASP A 50 -1.52 -17.69 8.62
N LYS A 51 -2.08 -17.37 9.78
CA LYS A 51 -2.21 -18.29 10.90
C LYS A 51 -3.57 -18.07 11.53
N SER A 52 -4.15 -19.14 12.05
CA SER A 52 -5.51 -19.13 12.56
C SER A 52 -5.58 -18.42 13.91
N PRO A 53 -6.77 -17.90 14.28
CA PRO A 53 -7.03 -17.45 15.66
C PRO A 53 -6.80 -18.51 16.75
N ASP A 54 -6.82 -19.79 16.36
CA ASP A 54 -6.56 -20.89 17.31
C ASP A 54 -5.13 -21.46 17.20
N SER A 55 -4.23 -20.75 16.54
CA SER A 55 -2.84 -21.21 16.37
C SER A 55 -2.02 -20.99 17.66
N PRO A 56 -0.97 -21.79 17.88
CA PRO A 56 -0.12 -21.58 19.06
C PRO A 56 0.57 -20.20 19.08
N GLU A 57 0.77 -19.63 17.89
CA GLU A 57 1.27 -18.26 17.73
C GLU A 57 0.26 -17.25 18.29
N MET A 58 -1.02 -17.39 17.91
CA MET A 58 -2.08 -16.49 18.39
C MET A 58 -2.48 -16.78 19.84
N LYS A 59 -2.41 -18.03 20.28
CA LYS A 59 -2.56 -18.35 21.69
C LYS A 59 -1.51 -17.63 22.54
N ASP A 60 -0.27 -17.54 22.03
CA ASP A 60 0.79 -16.78 22.70
C ASP A 60 0.57 -15.25 22.65
N PHE A 61 0.00 -14.75 21.55
CA PHE A 61 -0.37 -13.33 21.44
C PHE A 61 -1.32 -12.93 22.55
N ARG A 62 -2.39 -13.70 22.73
CA ARG A 62 -3.42 -13.38 23.72
C ARG A 62 -2.96 -13.61 25.16
N HIS A 63 -2.09 -14.60 25.37
CA HIS A 63 -1.50 -14.82 26.69
C HIS A 63 -0.63 -13.65 27.16
N GLY A 64 0.07 -13.01 26.22
CA GLY A 64 0.82 -11.79 26.51
C GLY A 64 -0.07 -10.67 27.03
N PHE A 65 -1.27 -10.57 26.47
CA PHE A 65 -2.27 -9.59 26.92
C PHE A 65 -3.09 -10.03 28.15
N ASP A 66 -3.00 -11.30 28.56
CA ASP A 66 -3.41 -11.72 29.91
C ASP A 66 -2.38 -11.32 30.96
N ILE A 67 -1.09 -11.45 30.64
CA ILE A 67 -0.01 -10.96 31.50
C ILE A 67 -0.12 -9.43 31.66
N LEU A 68 -0.54 -8.75 30.60
CA LEU A 68 -0.79 -7.31 30.65
C LEU A 68 -1.97 -6.96 31.57
N VAL A 69 -3.12 -7.61 31.34
CA VAL A 69 -4.34 -7.35 32.11
C VAL A 69 -4.18 -7.78 33.58
N GLY A 70 -3.53 -8.92 33.81
CA GLY A 70 -3.18 -9.37 35.16
C GLY A 70 -2.30 -8.39 35.93
N GLN A 71 -1.38 -7.73 35.23
CA GLN A 71 -0.54 -6.67 35.81
C GLN A 71 -1.33 -5.39 36.08
N ILE A 72 -2.28 -5.07 35.20
CA ILE A 72 -3.17 -3.91 35.36
C ILE A 72 -4.18 -4.15 36.49
N ASP A 73 -4.54 -5.40 36.74
CA ASP A 73 -5.39 -5.77 37.89
C ASP A 73 -4.75 -5.39 39.23
N ASP A 74 -3.58 -5.95 39.52
CA ASP A 74 -2.94 -5.73 40.83
C ASP A 74 -2.54 -4.26 41.09
N ALA A 75 -2.26 -3.52 40.03
CA ALA A 75 -2.05 -2.06 40.12
C ALA A 75 -3.36 -1.33 40.46
N LEU A 76 -4.46 -1.78 39.87
CA LEU A 76 -5.81 -1.29 40.25
C LEU A 76 -6.15 -1.62 41.70
N LYS A 77 -5.77 -2.80 42.17
CA LYS A 77 -5.99 -3.21 43.57
C LYS A 77 -5.39 -2.21 44.56
N LEU A 78 -4.22 -1.65 44.20
CA LEU A 78 -3.57 -0.60 44.99
C LEU A 78 -4.32 0.74 44.89
N ALA A 79 -4.75 1.09 43.68
CA ALA A 79 -5.52 2.32 43.43
C ALA A 79 -6.94 2.32 44.05
N ASN A 80 -7.52 1.13 44.25
CA ASN A 80 -8.80 0.99 44.97
C ASN A 80 -8.62 1.19 46.48
N GLU A 81 -7.53 0.64 47.01
CA GLU A 81 -7.14 0.83 48.41
C GLU A 81 -6.71 2.27 48.74
N GLY A 82 -6.23 2.99 47.73
CA GLY A 82 -5.79 4.39 47.89
C GLY A 82 -4.29 4.51 48.10
N LYS A 83 -3.53 3.78 47.28
CA LYS A 83 -2.07 3.70 47.39
C LYS A 83 -1.47 4.17 46.06
N VAL A 84 -1.20 5.47 45.97
CA VAL A 84 -0.81 6.12 44.72
C VAL A 84 0.62 5.76 44.35
N LYS A 85 1.55 6.11 45.23
CA LYS A 85 3.00 5.91 44.99
C LYS A 85 3.37 4.44 44.79
N GLU A 86 2.60 3.55 45.42
CA GLU A 86 2.77 2.11 45.26
C GLU A 86 2.24 1.65 43.89
N ALA A 87 1.08 2.18 43.48
CA ALA A 87 0.47 1.87 42.19
C ALA A 87 1.24 2.42 40.98
N GLN A 88 1.83 3.61 41.14
CA GLN A 88 2.67 4.21 40.09
C GLN A 88 3.87 3.35 39.69
N ALA A 89 4.39 2.56 40.63
CA ALA A 89 5.48 1.61 40.36
C ALA A 89 5.02 0.39 39.57
N ALA A 90 3.86 -0.14 39.93
CA ALA A 90 3.29 -1.31 39.25
C ALA A 90 2.96 -1.07 37.78
N ALA A 91 2.57 0.17 37.45
CA ALA A 91 2.26 0.56 36.07
C ALA A 91 3.49 0.57 35.16
N GLU A 92 4.68 0.74 35.73
CA GLU A 92 5.93 0.69 34.96
C GLU A 92 6.31 -0.72 34.48
N GLN A 93 5.67 -1.76 35.03
CA GLN A 93 5.82 -3.14 34.52
C GLN A 93 5.31 -3.35 33.09
N LEU A 94 4.47 -2.44 32.60
CA LEU A 94 3.96 -2.53 31.22
C LEU A 94 5.00 -2.09 30.18
N LYS A 95 6.06 -1.42 30.62
CA LYS A 95 7.18 -1.08 29.75
C LYS A 95 7.95 -2.32 29.30
N THR A 96 8.15 -3.31 30.19
CA THR A 96 8.82 -4.57 29.80
C THR A 96 7.96 -5.42 28.86
N THR A 97 6.64 -5.38 29.06
CA THR A 97 5.67 -5.98 28.13
C THR A 97 5.69 -5.29 26.77
N ARG A 98 5.77 -3.97 26.77
CA ARG A 98 5.81 -3.20 25.52
C ARG A 98 7.10 -3.53 24.76
N ASN A 99 8.23 -3.50 25.46
CA ASN A 99 9.52 -3.90 24.90
C ASN A 99 9.48 -5.32 24.33
N ALA A 100 9.02 -6.26 25.16
CA ALA A 100 8.82 -7.66 24.75
C ALA A 100 7.97 -7.78 23.50
N TYR A 101 6.91 -6.99 23.43
CA TYR A 101 6.00 -7.02 22.30
C TYR A 101 6.63 -6.52 20.99
N ILE A 102 7.32 -5.36 21.02
CA ILE A 102 7.93 -4.83 19.79
C ILE A 102 8.96 -5.80 19.19
N GLN A 103 9.77 -6.43 20.04
CA GLN A 103 10.78 -7.40 19.62
C GLN A 103 10.19 -8.58 18.85
N LYS A 104 9.04 -9.05 19.32
CA LYS A 104 8.41 -10.27 18.80
C LYS A 104 7.58 -10.09 17.52
N TYR A 105 6.92 -8.94 17.38
CA TYR A 105 5.97 -8.67 16.27
C TYR A 105 6.27 -7.45 15.39
N LEU A 106 7.06 -6.50 15.89
CA LEU A 106 7.19 -5.19 15.23
C LEU A 106 8.60 -4.86 14.70
N ILE A 107 9.50 -5.86 14.66
CA ILE A 107 10.84 -5.69 14.07
C ILE A 107 10.95 -6.51 12.79
N LEU A 108 11.34 -5.86 11.69
CA LEU A 108 11.55 -6.52 10.40
C LEU A 108 12.92 -7.20 10.40
N ASN A 109 12.96 -8.48 10.04
CA ASN A 109 14.20 -9.27 10.04
C ASN A 109 15.27 -8.67 9.12
N SER A 110 16.40 -8.30 9.72
CA SER A 110 17.48 -7.60 9.03
C SER A 110 18.04 -8.38 7.84
N SER A 111 18.11 -7.71 6.69
CA SER A 111 18.81 -8.25 5.52
C SER A 111 20.32 -8.21 5.76
N ASP A 112 21.05 -8.91 4.90
CA ASP A 112 22.50 -8.87 4.94
C ASP A 112 23.02 -7.49 4.48
N CYS A 113 22.36 -6.91 3.48
CA CYS A 113 22.66 -5.58 2.96
C CYS A 113 21.57 -4.58 3.38
N PRO A 114 21.62 -4.05 4.62
CA PRO A 114 20.58 -3.10 5.06
C PRO A 114 20.61 -1.74 4.35
N LYS A 115 21.79 -1.12 4.29
CA LYS A 115 21.92 0.25 3.77
C LYS A 115 21.79 0.35 2.25
N ALA A 116 21.86 -0.78 1.54
CA ALA A 116 21.65 -0.83 0.08
C ALA A 116 20.46 0.02 -0.33
N GLY A 117 20.69 0.98 -1.24
CA GLY A 117 19.64 1.88 -1.74
C GLY A 117 19.62 3.27 -1.09
N ARG A 118 20.20 3.40 0.10
CA ARG A 118 20.24 4.68 0.82
C ARG A 118 21.27 5.63 0.20
N HIS A 119 20.81 6.47 -0.72
CA HIS A 119 21.62 7.52 -1.31
C HIS A 119 20.87 8.85 -1.22
N ASN A 120 21.63 9.93 -1.01
CA ASN A 120 21.04 11.24 -0.70
C ASN A 120 20.18 11.80 -1.83
N TYR A 121 20.67 11.71 -3.06
CA TYR A 121 19.92 12.17 -4.24
C TYR A 121 18.56 11.47 -4.43
N ILE A 122 18.46 10.19 -4.03
CA ILE A 122 17.19 9.45 -4.05
C ILE A 122 16.13 10.08 -3.12
N PHE A 123 16.55 10.73 -2.04
CA PHE A 123 15.63 11.37 -1.08
C PHE A 123 15.28 12.82 -1.42
N VAL A 124 15.83 13.34 -2.51
CA VAL A 124 15.47 14.66 -3.08
C VAL A 124 14.89 14.55 -4.49
N MET A 125 15.44 13.64 -5.30
CA MET A 125 14.97 13.39 -6.66
C MET A 125 13.58 12.75 -6.69
N ILE A 126 13.40 11.67 -5.92
CA ILE A 126 12.16 10.90 -5.93
C ILE A 126 10.95 11.70 -5.41
N PRO A 127 11.10 12.42 -4.27
CA PRO A 127 9.95 13.21 -3.81
C PRO A 127 9.57 14.36 -4.75
N THR A 128 10.54 15.11 -5.27
CA THR A 128 10.25 16.20 -6.21
C THR A 128 9.65 15.69 -7.53
N LEU A 129 10.00 14.46 -7.93
CA LEU A 129 9.35 13.80 -9.06
C LEU A 129 7.89 13.51 -8.68
N TYR A 130 7.72 12.78 -7.57
CA TYR A 130 6.37 12.49 -7.00
C TYR A 130 5.48 13.74 -6.83
N SER A 131 6.11 14.87 -6.50
CA SER A 131 5.41 16.17 -6.42
C SER A 131 4.92 16.68 -7.77
N ILE A 132 5.74 16.52 -8.81
CA ILE A 132 5.40 16.98 -10.16
C ILE A 132 4.29 16.09 -10.72
N ILE A 133 4.52 14.77 -10.72
CA ILE A 133 3.50 13.80 -11.10
C ILE A 133 2.15 14.08 -10.39
N PHE A 134 2.23 14.40 -9.10
CA PHE A 134 1.03 14.72 -8.31
C PHE A 134 0.25 15.89 -8.90
N VAL A 135 0.76 17.11 -8.72
CA VAL A 135 -0.01 18.33 -8.98
C VAL A 135 -0.40 18.53 -10.45
N VAL A 136 0.48 18.11 -11.37
CA VAL A 136 0.16 18.12 -12.80
C VAL A 136 -0.98 17.14 -13.07
N GLY A 137 -0.84 15.92 -12.55
CA GLY A 137 -1.87 14.90 -12.66
C GLY A 137 -3.22 15.27 -12.07
N ILE A 138 -3.22 16.05 -10.99
CA ILE A 138 -4.48 16.52 -10.38
C ILE A 138 -5.19 17.44 -11.37
N PHE A 139 -4.56 18.56 -11.72
CA PHE A 139 -5.12 19.49 -12.70
C PHE A 139 -5.29 18.86 -14.09
N GLY A 140 -4.45 17.88 -14.41
CA GLY A 140 -4.53 17.15 -15.68
C GLY A 140 -5.77 16.28 -15.78
N ASN A 141 -5.89 15.29 -14.89
CA ASN A 141 -7.04 14.40 -14.86
C ASN A 141 -8.34 15.06 -14.37
N SER A 142 -8.23 16.18 -13.63
CA SER A 142 -9.42 16.95 -13.24
C SER A 142 -10.07 17.62 -14.44
N LEU A 143 -9.24 18.16 -15.35
CA LEU A 143 -9.72 18.71 -16.63
C LEU A 143 -10.37 17.65 -17.52
N VAL A 144 -9.82 16.44 -17.53
CA VAL A 144 -10.34 15.36 -18.39
C VAL A 144 -11.76 14.93 -17.99
N VAL A 145 -12.00 14.72 -16.69
CA VAL A 145 -13.33 14.30 -16.21
C VAL A 145 -14.44 15.32 -16.52
N ILE A 146 -14.13 16.60 -16.35
CA ILE A 146 -15.11 17.68 -16.57
C ILE A 146 -15.43 17.91 -18.05
N VAL A 147 -14.44 17.76 -18.93
CA VAL A 147 -14.67 17.85 -20.38
C VAL A 147 -15.40 16.62 -20.95
N ILE A 148 -15.34 15.49 -20.24
CA ILE A 148 -16.15 14.32 -20.59
C ILE A 148 -17.63 14.54 -20.27
N TYR A 149 -17.92 15.22 -19.16
CA TYR A 149 -19.28 15.64 -18.81
C TYR A 149 -19.80 16.73 -19.75
N PHE A 150 -18.95 17.69 -20.10
CA PHE A 150 -19.30 18.78 -21.03
C PHE A 150 -19.35 18.32 -22.49
N TYR A 151 -18.18 18.13 -23.11
CA TYR A 151 -18.06 17.95 -24.57
C TYR A 151 -18.52 16.59 -25.07
N MET A 152 -17.85 15.52 -24.63
CA MET A 152 -18.19 14.16 -25.04
C MET A 152 -19.58 13.75 -24.55
N LYS A 153 -19.91 14.13 -23.31
CA LYS A 153 -21.22 13.89 -22.70
C LYS A 153 -21.58 12.41 -22.56
N LEU A 154 -20.56 11.57 -22.36
CA LEU A 154 -20.71 10.09 -22.36
C LEU A 154 -21.44 9.56 -23.60
N LYS A 155 -20.99 10.03 -24.77
CA LYS A 155 -21.60 9.67 -26.05
C LYS A 155 -21.22 8.25 -26.47
N THR A 156 -19.92 7.96 -26.47
CA THR A 156 -19.39 6.67 -26.96
C THR A 156 -19.14 5.66 -25.83
N VAL A 157 -18.93 4.42 -26.24
CA VAL A 157 -18.53 3.33 -25.36
C VAL A 157 -17.06 3.52 -24.94
N ALA A 158 -16.25 4.11 -25.81
CA ALA A 158 -14.86 4.46 -25.49
C ALA A 158 -14.79 5.58 -24.45
N SER A 159 -15.73 6.52 -24.52
CA SER A 159 -15.75 7.66 -23.61
C SER A 159 -15.89 7.28 -22.14
N VAL A 160 -16.69 6.25 -21.86
CA VAL A 160 -16.96 5.86 -20.46
C VAL A 160 -15.74 5.19 -19.80
N PHE A 161 -15.03 4.33 -20.54
CA PHE A 161 -13.78 3.72 -20.04
C PHE A 161 -12.69 4.76 -19.79
N LEU A 162 -12.63 5.78 -20.63
CA LEU A 162 -11.69 6.90 -20.46
C LEU A 162 -12.08 7.84 -19.31
N LEU A 163 -13.38 7.94 -19.02
CA LEU A 163 -13.85 8.65 -17.81
C LEU A 163 -13.43 7.90 -16.55
N ASN A 164 -13.58 6.58 -16.57
CA ASN A 164 -13.15 5.73 -15.45
C ASN A 164 -11.65 5.77 -15.20
N LEU A 165 -10.86 5.73 -16.27
CA LEU A 165 -9.41 5.83 -16.18
C LEU A 165 -8.96 7.14 -15.56
N ALA A 166 -9.66 8.23 -15.86
CA ALA A 166 -9.40 9.52 -15.22
C ALA A 166 -9.66 9.45 -13.72
N LEU A 167 -10.77 8.83 -13.31
CA LEU A 167 -11.09 8.65 -11.89
C LEU A 167 -10.10 7.73 -11.17
N ALA A 168 -9.77 6.61 -11.80
CA ALA A 168 -8.75 5.70 -11.26
C ALA A 168 -7.37 6.37 -11.09
N ASP A 169 -7.04 7.30 -11.99
CA ASP A 169 -5.82 8.10 -11.86
C ASP A 169 -5.92 9.06 -10.67
N LEU A 170 -7.08 9.69 -10.48
CA LEU A 170 -7.29 10.56 -9.31
C LEU A 170 -7.19 9.83 -7.97
N CYS A 171 -7.74 8.62 -7.89
CA CYS A 171 -7.66 7.80 -6.66
C CYS A 171 -6.22 7.49 -6.26
N PHE A 172 -5.40 7.19 -7.26
CA PHE A 172 -3.96 6.99 -7.08
C PHE A 172 -3.30 8.26 -6.57
N LEU A 173 -3.49 9.34 -7.31
CA LEU A 173 -2.77 10.61 -7.09
C LEU A 173 -2.96 11.19 -5.69
N LEU A 174 -4.16 11.07 -5.13
CA LEU A 174 -4.43 11.53 -3.75
C LEU A 174 -3.42 10.99 -2.73
N THR A 175 -3.05 9.72 -2.87
CA THR A 175 -2.13 9.05 -1.95
C THR A 175 -0.67 9.49 -2.11
N LEU A 176 -0.25 9.83 -3.33
CA LEU A 176 1.19 10.08 -3.64
C LEU A 176 1.96 10.90 -2.59
N PRO A 177 1.40 12.05 -2.15
CA PRO A 177 2.04 12.84 -1.08
C PRO A 177 2.56 12.04 0.12
N LEU A 178 1.97 10.87 0.37
CA LEU A 178 2.36 10.01 1.48
C LEU A 178 3.62 9.22 1.18
N TRP A 179 3.87 8.95 -0.10
CA TRP A 179 5.10 8.28 -0.55
C TRP A 179 6.22 9.27 -0.90
N ALA A 180 5.83 10.45 -1.37
CA ALA A 180 6.77 11.56 -1.56
C ALA A 180 7.52 11.83 -0.26
N VAL A 181 6.78 12.13 0.80
CA VAL A 181 7.40 12.48 2.08
C VAL A 181 8.12 11.27 2.68
N TYR A 182 7.48 10.10 2.61
CA TYR A 182 8.11 8.83 3.02
C TYR A 182 9.56 8.77 2.54
N THR A 183 9.74 8.92 1.22
CA THR A 183 11.06 8.94 0.60
C THR A 183 11.88 10.19 0.99
N ALA A 184 11.21 11.34 1.12
CA ALA A 184 11.87 12.57 1.61
C ALA A 184 12.39 12.44 3.05
N MET A 185 11.67 11.71 3.89
CA MET A 185 12.10 11.40 5.26
C MET A 185 13.12 10.25 5.34
N GLU A 186 13.76 9.92 4.22
CA GLU A 186 14.79 8.88 4.13
C GLU A 186 14.21 7.51 4.44
N TYR A 187 13.05 7.22 3.84
CA TYR A 187 12.25 6.03 4.12
C TYR A 187 11.89 5.86 5.61
N ARG A 188 10.96 6.70 6.09
CA ARG A 188 10.26 6.41 7.34
C ARG A 188 8.82 6.96 7.32
N TRP A 189 7.90 6.17 7.84
CA TRP A 189 6.46 6.37 7.66
C TRP A 189 5.81 6.88 8.96
N PRO A 190 5.42 8.17 8.98
CA PRO A 190 4.79 8.73 10.18
C PRO A 190 3.28 8.50 10.27
N PHE A 191 2.63 8.18 9.15
CA PHE A 191 1.16 8.26 9.04
C PHE A 191 0.37 7.08 9.63
N GLY A 192 1.06 6.10 10.22
CA GLY A 192 0.41 4.99 10.90
C GLY A 192 0.15 3.78 10.01
N ASN A 193 -0.63 2.85 10.55
CA ASN A 193 -0.79 1.49 9.98
C ASN A 193 -2.00 1.35 9.05
N TYR A 194 -3.04 2.18 9.26
CA TYR A 194 -4.18 2.21 8.33
C TYR A 194 -3.74 2.69 6.98
N LEU A 195 -3.16 3.88 6.93
CA LEU A 195 -2.71 4.48 5.69
C LEU A 195 -1.60 3.68 5.00
N CYS A 196 -0.78 2.96 5.77
CA CYS A 196 0.18 2.02 5.19
C CYS A 196 -0.52 1.05 4.23
N LYS A 197 -1.70 0.56 4.63
CA LYS A 197 -2.47 -0.41 3.82
C LYS A 197 -3.23 0.21 2.65
N ILE A 198 -4.01 1.27 2.90
CA ILE A 198 -4.87 1.83 1.85
C ILE A 198 -4.07 2.58 0.77
N ALA A 199 -2.97 3.20 1.17
CA ALA A 199 -2.07 3.88 0.23
C ALA A 199 -1.23 2.90 -0.59
N SER A 200 -1.07 1.68 -0.09
CA SER A 200 -0.38 0.60 -0.80
C SER A 200 -1.35 -0.21 -1.65
N ALA A 201 -2.58 -0.35 -1.16
CA ALA A 201 -3.69 -0.87 -1.95
C ALA A 201 -4.08 0.05 -3.13
N SER A 202 -3.85 1.36 -3.01
CA SER A 202 -4.21 2.32 -4.06
C SER A 202 -3.28 2.31 -5.28
N VAL A 203 -2.03 1.92 -5.10
CA VAL A 203 -1.08 1.85 -6.24
C VAL A 203 -1.13 0.49 -6.96
N SER A 204 -1.41 -0.58 -6.21
CA SER A 204 -1.74 -1.86 -6.82
C SER A 204 -3.03 -1.74 -7.65
N PHE A 205 -4.02 -1.06 -7.09
CA PHE A 205 -5.29 -0.74 -7.77
C PHE A 205 -5.03 -0.13 -9.14
N ASN A 206 -4.26 0.96 -9.16
CA ASN A 206 -3.95 1.67 -10.41
C ASN A 206 -3.37 0.75 -11.50
N LEU A 207 -2.55 -0.23 -11.10
CA LEU A 207 -1.99 -1.20 -12.04
C LEU A 207 -3.06 -2.13 -12.62
N TYR A 208 -3.87 -2.73 -11.75
CA TYR A 208 -4.92 -3.66 -12.20
C TYR A 208 -6.06 -2.92 -12.89
N ALA A 209 -6.54 -1.85 -12.29
CA ALA A 209 -7.59 -1.03 -12.90
C ALA A 209 -7.18 -0.58 -14.32
N SER A 210 -6.02 0.06 -14.44
CA SER A 210 -5.57 0.59 -15.74
C SER A 210 -5.53 -0.51 -16.79
N VAL A 211 -4.80 -1.59 -16.51
CA VAL A 211 -4.59 -2.64 -17.50
C VAL A 211 -5.93 -3.28 -17.93
N PHE A 212 -6.83 -3.53 -16.98
CA PHE A 212 -8.18 -3.99 -17.31
C PHE A 212 -8.99 -2.96 -18.10
N LEU A 213 -8.84 -1.68 -17.76
CA LEU A 213 -9.47 -0.59 -18.52
C LEU A 213 -8.90 -0.44 -19.94
N LEU A 214 -7.59 -0.56 -20.09
CA LEU A 214 -6.94 -0.52 -21.42
C LEU A 214 -7.25 -1.75 -22.27
N THR A 215 -7.41 -2.91 -21.62
CA THR A 215 -7.88 -4.12 -22.31
C THR A 215 -9.26 -3.89 -22.93
N CYS A 216 -10.14 -3.24 -22.16
CA CYS A 216 -11.49 -2.88 -22.64
C CYS A 216 -11.48 -1.85 -23.75
N LEU A 217 -10.63 -0.83 -23.62
CA LEU A 217 -10.43 0.15 -24.71
C LEU A 217 -9.95 -0.51 -26.01
N SER A 218 -9.10 -1.53 -25.89
CA SER A 218 -8.61 -2.29 -27.04
C SER A 218 -9.71 -3.15 -27.64
N ILE A 219 -10.37 -3.95 -26.80
CA ILE A 219 -11.48 -4.81 -27.22
C ILE A 219 -12.61 -3.96 -27.82
N ASP A 220 -12.84 -2.76 -27.26
CA ASP A 220 -13.80 -1.80 -27.81
C ASP A 220 -13.44 -1.38 -29.22
N ARG A 221 -12.23 -0.84 -29.40
CA ARG A 221 -11.77 -0.38 -30.70
C ARG A 221 -11.58 -1.49 -31.74
N TYR A 222 -11.37 -2.73 -31.27
CA TYR A 222 -11.40 -3.90 -32.18
C TYR A 222 -12.81 -4.12 -32.70
N LEU A 223 -13.75 -4.30 -31.77
CA LEU A 223 -15.17 -4.48 -32.13
C LEU A 223 -15.77 -3.28 -32.88
N ALA A 224 -15.40 -2.07 -32.47
CA ALA A 224 -15.99 -0.85 -33.03
C ALA A 224 -15.70 -0.60 -34.52
N ILE A 225 -14.57 -1.11 -35.01
CA ILE A 225 -14.18 -0.91 -36.42
C ILE A 225 -13.52 -2.13 -37.13
N VAL A 226 -13.65 -3.33 -36.56
CA VAL A 226 -13.44 -4.59 -37.30
C VAL A 226 -14.75 -5.37 -37.48
N HIS A 227 -15.64 -5.31 -36.49
CA HIS A 227 -17.00 -5.85 -36.61
C HIS A 227 -18.05 -4.82 -36.18
N PRO A 228 -18.20 -3.73 -36.95
CA PRO A 228 -19.21 -2.70 -36.64
C PRO A 228 -20.64 -3.16 -36.96
N THR A 236 -23.70 -0.84 -26.87
CA THR A 236 -23.59 -1.51 -25.58
C THR A 236 -23.08 -0.55 -24.50
N MET A 237 -23.85 0.53 -24.29
CA MET A 237 -23.51 1.54 -23.26
C MET A 237 -23.78 1.03 -21.84
N LEU A 238 -24.86 0.27 -21.68
CA LEU A 238 -25.20 -0.36 -20.39
C LEU A 238 -24.12 -1.38 -19.98
N VAL A 239 -23.74 -2.25 -20.92
CA VAL A 239 -22.76 -3.31 -20.67
C VAL A 239 -21.36 -2.75 -20.36
N ALA A 240 -21.02 -1.61 -20.98
CA ALA A 240 -19.76 -0.91 -20.70
C ALA A 240 -19.69 -0.42 -19.26
N LYS A 241 -20.78 0.16 -18.76
CA LYS A 241 -20.89 0.60 -17.36
C LYS A 241 -20.87 -0.58 -16.38
N VAL A 242 -21.57 -1.65 -16.73
CA VAL A 242 -21.53 -2.91 -15.96
C VAL A 242 -20.10 -3.45 -15.84
N THR A 243 -19.34 -3.36 -16.94
CA THR A 243 -17.92 -3.74 -16.93
C THR A 243 -17.10 -2.86 -15.98
N CYS A 244 -17.18 -1.54 -16.18
CA CYS A 244 -16.39 -0.58 -15.39
C CYS A 244 -16.51 -0.76 -13.87
N ILE A 245 -17.73 -0.93 -13.35
CA ILE A 245 -17.93 -1.21 -11.92
C ILE A 245 -17.43 -2.61 -11.48
N ILE A 246 -17.47 -3.58 -12.40
CA ILE A 246 -16.82 -4.90 -12.18
C ILE A 246 -15.29 -4.80 -12.21
N ILE A 247 -14.72 -3.89 -13.03
CA ILE A 247 -13.25 -3.67 -13.04
C ILE A 247 -12.75 -3.16 -11.68
N TRP A 248 -13.48 -2.22 -11.08
CA TRP A 248 -13.17 -1.71 -9.74
C TRP A 248 -13.20 -2.82 -8.68
N LEU A 249 -14.14 -3.76 -8.80
CA LEU A 249 -14.24 -4.90 -7.88
C LEU A 249 -13.02 -5.81 -7.96
N LEU A 250 -12.64 -6.20 -9.18
CA LEU A 250 -11.47 -7.06 -9.41
C LEU A 250 -10.14 -6.38 -9.05
N ALA A 251 -10.03 -5.07 -9.29
CA ALA A 251 -8.81 -4.32 -8.95
C ALA A 251 -8.70 -4.11 -7.44
N GLY A 252 -9.83 -3.94 -6.76
CA GLY A 252 -9.87 -3.93 -5.30
C GLY A 252 -9.49 -5.27 -4.71
N LEU A 253 -10.12 -6.33 -5.20
CA LEU A 253 -9.79 -7.70 -4.79
C LEU A 253 -8.35 -8.13 -5.15
N ALA A 254 -7.82 -7.63 -6.27
CA ALA A 254 -6.42 -7.89 -6.65
C ALA A 254 -5.42 -7.11 -5.78
N SER A 255 -5.87 -5.99 -5.20
CA SER A 255 -5.08 -5.18 -4.25
C SER A 255 -5.27 -5.58 -2.78
N LEU A 256 -5.99 -6.68 -2.56
CA LEU A 256 -6.29 -7.19 -1.21
C LEU A 256 -5.04 -7.73 -0.46
N PRO A 257 -3.98 -8.15 -1.20
CA PRO A 257 -2.69 -8.45 -0.55
C PRO A 257 -1.96 -7.24 0.04
N ALA A 258 -2.24 -6.03 -0.47
CA ALA A 258 -1.74 -4.79 0.15
C ALA A 258 -2.38 -4.53 1.51
N ILE A 259 -3.66 -4.88 1.66
CA ILE A 259 -4.39 -4.68 2.92
C ILE A 259 -4.00 -5.71 3.99
N ILE A 260 -3.60 -6.91 3.56
CA ILE A 260 -3.31 -8.03 4.49
C ILE A 260 -1.89 -7.96 5.05
N HIS A 261 -0.91 -7.85 4.17
CA HIS A 261 0.51 -8.03 4.55
C HIS A 261 1.29 -6.73 4.88
N ARG A 262 0.79 -5.57 4.47
CA ARG A 262 1.46 -4.29 4.74
C ARG A 262 1.29 -3.87 6.19
N ASN A 263 2.41 -3.64 6.87
CA ASN A 263 2.39 -3.09 8.23
C ASN A 263 3.54 -2.14 8.46
N VAL A 264 3.32 -1.18 9.36
CA VAL A 264 4.38 -0.32 9.85
C VAL A 264 5.24 -1.16 10.79
N PHE A 265 6.51 -1.31 10.43
CA PHE A 265 7.49 -2.05 11.23
C PHE A 265 8.68 -1.17 11.57
N PHE A 266 9.25 -1.37 12.76
CA PHE A 266 10.58 -0.84 13.09
C PHE A 266 11.62 -1.72 12.41
N ILE A 267 12.87 -1.25 12.35
CA ILE A 267 13.98 -2.03 11.79
C ILE A 267 15.19 -1.98 12.71
N GLU A 268 15.84 -3.14 12.91
CA GLU A 268 17.08 -3.24 13.70
C GLU A 268 17.07 -2.52 15.05
N ASN A 269 15.91 -2.48 15.70
CA ASN A 269 15.68 -1.73 16.96
C ASN A 269 16.11 -0.26 16.87
N THR A 270 15.36 0.51 16.08
CA THR A 270 15.61 1.94 15.88
C THR A 270 14.32 2.73 16.08
N ASN A 271 14.43 4.05 15.99
CA ASN A 271 13.27 4.94 16.05
C ASN A 271 12.46 4.91 14.75
N ILE A 272 13.15 4.92 13.61
CA ILE A 272 12.49 5.02 12.28
C ILE A 272 11.63 3.78 11.93
N THR A 273 10.44 4.06 11.39
CA THR A 273 9.40 3.08 11.15
C THR A 273 9.08 2.98 9.65
N VAL A 274 9.19 1.77 9.12
CA VAL A 274 9.07 1.50 7.68
C VAL A 274 7.70 0.86 7.39
N CYS A 275 7.11 1.17 6.23
CA CYS A 275 5.82 0.59 5.78
C CYS A 275 6.06 -0.49 4.71
N ALA A 276 6.37 -1.70 5.16
CA ALA A 276 6.86 -2.77 4.29
C ALA A 276 5.90 -3.95 4.21
N PHE A 277 6.06 -4.73 3.15
CA PHE A 277 5.31 -5.96 2.92
C PHE A 277 5.90 -7.07 3.79
N HIS A 278 5.05 -7.89 4.40
CA HIS A 278 5.52 -9.10 5.07
C HIS A 278 5.32 -10.30 4.17
N TYR A 279 6.40 -11.02 3.90
CA TYR A 279 6.40 -12.17 2.98
C TYR A 279 6.23 -13.49 3.73
N GLU A 280 7.06 -13.69 4.76
CA GLU A 280 7.10 -14.94 5.55
C GLU A 280 7.70 -16.09 4.74
N SER A 284 7.76 -23.69 1.82
CA SER A 284 6.71 -23.45 0.84
C SER A 284 7.19 -22.51 -0.28
N THR A 285 7.65 -21.33 0.12
CA THR A 285 8.06 -20.24 -0.79
C THR A 285 7.07 -19.96 -1.94
N LEU A 286 5.78 -20.06 -1.61
CA LEU A 286 4.70 -19.74 -2.55
C LEU A 286 4.45 -18.22 -2.73
N PRO A 287 4.99 -17.36 -1.84
CA PRO A 287 4.99 -15.90 -2.12
C PRO A 287 5.69 -15.45 -3.41
N ILE A 288 6.62 -16.27 -3.92
CA ILE A 288 7.19 -16.09 -5.26
C ILE A 288 6.36 -16.87 -6.29
N GLY A 289 5.92 -18.07 -5.92
CA GLY A 289 5.05 -18.91 -6.76
C GLY A 289 3.74 -18.25 -7.17
N LEU A 290 3.11 -17.54 -6.22
CA LEU A 290 1.90 -16.74 -6.48
C LEU A 290 2.16 -15.23 -6.49
N GLY A 291 3.41 -14.82 -6.23
CA GLY A 291 3.89 -13.47 -6.57
C GLY A 291 4.23 -13.30 -8.05
N LEU A 292 4.22 -14.41 -8.81
CA LEU A 292 4.39 -14.35 -10.27
C LEU A 292 3.05 -14.42 -11.01
N THR A 293 1.97 -14.84 -10.33
CA THR A 293 0.62 -14.85 -10.95
C THR A 293 0.05 -13.43 -11.21
N LYS A 294 0.60 -12.43 -10.52
CA LYS A 294 0.33 -11.02 -10.82
C LYS A 294 0.94 -10.54 -12.15
N ASN A 295 2.13 -11.04 -12.47
CA ASN A 295 2.79 -10.75 -13.76
C ASN A 295 2.09 -11.40 -14.97
N ILE A 296 1.73 -12.69 -14.86
CA ILE A 296 0.96 -13.39 -15.92
C ILE A 296 -0.40 -12.74 -16.19
N LEU A 297 -1.17 -12.49 -15.13
CA LEU A 297 -2.53 -11.95 -15.28
C LEU A 297 -2.50 -10.47 -15.61
N GLY A 298 -1.48 -9.76 -15.10
CA GLY A 298 -1.26 -8.36 -15.43
C GLY A 298 -0.75 -8.20 -16.85
N PHE A 299 0.37 -8.84 -17.16
CA PHE A 299 0.98 -8.75 -18.48
C PHE A 299 0.33 -9.70 -19.48
N LEU A 300 0.65 -10.99 -19.41
CA LEU A 300 0.37 -11.96 -20.48
C LEU A 300 -1.08 -12.02 -20.95
N PHE A 301 -2.04 -11.95 -20.03
CA PHE A 301 -3.45 -12.05 -20.37
C PHE A 301 -3.95 -10.83 -21.16
N PRO A 302 -3.74 -9.60 -20.63
CA PRO A 302 -3.98 -8.39 -21.44
C PRO A 302 -3.04 -8.16 -22.63
N PHE A 303 -1.73 -8.28 -22.45
CA PHE A 303 -0.75 -7.96 -23.50
C PHE A 303 -1.03 -8.69 -24.81
N LEU A 304 -1.27 -9.99 -24.73
CA LEU A 304 -1.58 -10.81 -25.92
C LEU A 304 -2.93 -10.44 -26.52
N ILE A 305 -3.93 -10.23 -25.67
CA ILE A 305 -5.25 -9.78 -26.11
C ILE A 305 -5.17 -8.38 -26.74
N ILE A 306 -4.42 -7.49 -26.11
CA ILE A 306 -4.28 -6.09 -26.56
C ILE A 306 -3.43 -5.96 -27.83
N LEU A 307 -2.36 -6.76 -27.94
CA LEU A 307 -1.55 -6.80 -29.16
C LEU A 307 -2.40 -7.31 -30.32
N THR A 308 -2.98 -8.49 -30.14
CA THR A 308 -3.85 -9.13 -31.15
C THR A 308 -5.11 -8.30 -31.47
N SER A 309 -5.55 -7.47 -30.53
CA SER A 309 -6.60 -6.48 -30.78
C SER A 309 -6.15 -5.43 -31.78
N TYR A 310 -5.06 -4.72 -31.47
CA TYR A 310 -4.61 -3.58 -32.29
C TYR A 310 -3.89 -3.95 -33.58
N THR A 311 -3.09 -5.02 -33.57
CA THR A 311 -2.37 -5.45 -34.78
C THR A 311 -3.32 -5.67 -35.97
N LEU A 312 -4.54 -6.12 -35.67
CA LEU A 312 -5.60 -6.18 -36.68
C LEU A 312 -6.07 -4.77 -37.08
N ILE A 313 -6.65 -4.04 -36.12
CA ILE A 313 -7.32 -2.76 -36.43
C ILE A 313 -6.37 -1.62 -36.83
N TRP A 314 -5.11 -1.67 -36.40
CA TRP A 314 -4.09 -0.76 -36.91
C TRP A 314 -3.88 -1.05 -38.40
N LYS A 315 -3.65 -2.33 -38.71
CA LYS A 315 -3.48 -2.79 -40.09
C LYS A 315 -4.71 -2.54 -40.96
N ALA A 316 -5.91 -2.69 -40.38
CA ALA A 316 -7.17 -2.50 -41.11
C ALA A 316 -7.48 -1.02 -41.39
N LEU A 317 -7.49 -0.22 -40.32
CA LEU A 317 -7.81 1.22 -40.42
C LEU A 317 -6.70 2.00 -41.13
N ASN A 330 -13.70 6.68 -34.52
CA ASN A 330 -12.86 5.70 -35.21
C ASN A 330 -11.37 6.02 -35.09
N ASP A 331 -10.91 7.03 -35.84
CA ASP A 331 -9.49 7.36 -35.95
C ASP A 331 -8.97 8.22 -34.80
N ASP A 332 -9.78 9.15 -34.31
CA ASP A 332 -9.34 10.14 -33.28
C ASP A 332 -9.14 9.47 -31.93
N ILE A 333 -10.09 8.63 -31.55
CA ILE A 333 -10.09 7.94 -30.26
C ILE A 333 -9.07 6.79 -30.27
N PHE A 334 -8.83 6.20 -31.46
CA PHE A 334 -7.78 5.20 -31.65
C PHE A 334 -6.38 5.79 -31.42
N LYS A 335 -6.17 7.04 -31.81
CA LYS A 335 -4.86 7.69 -31.67
C LYS A 335 -4.45 7.91 -30.21
N ILE A 336 -5.40 8.35 -29.38
CA ILE A 336 -5.13 8.55 -27.94
C ILE A 336 -4.95 7.22 -27.18
N ILE A 337 -5.79 6.23 -27.48
CA ILE A 337 -5.77 4.94 -26.77
C ILE A 337 -4.48 4.18 -27.08
N MET A 338 -4.10 4.18 -28.36
CA MET A 338 -2.82 3.63 -28.83
C MET A 338 -1.66 4.25 -28.05
N ALA A 339 -1.66 5.58 -27.92
CA ALA A 339 -0.56 6.31 -27.28
C ALA A 339 -0.49 6.06 -25.78
N ILE A 340 -1.66 5.94 -25.15
CA ILE A 340 -1.77 5.56 -23.75
C ILE A 340 -1.28 4.14 -23.53
N VAL A 341 -1.78 3.22 -24.36
CA VAL A 341 -1.45 1.80 -24.25
C VAL A 341 0.05 1.52 -24.48
N LEU A 342 0.61 2.09 -25.55
CA LEU A 342 2.01 1.81 -25.88
C LEU A 342 2.97 2.34 -24.82
N PHE A 343 2.74 3.57 -24.36
CA PHE A 343 3.54 4.17 -23.28
C PHE A 343 3.46 3.35 -22.00
N PHE A 344 2.23 3.04 -21.57
CA PHE A 344 1.96 2.35 -20.31
C PHE A 344 2.78 1.06 -20.18
N PHE A 345 2.77 0.26 -21.24
CA PHE A 345 3.48 -1.02 -21.24
C PHE A 345 4.99 -0.87 -21.42
N PHE A 346 5.42 0.11 -22.21
CA PHE A 346 6.86 0.43 -22.32
C PHE A 346 7.43 0.93 -20.98
N SER A 347 6.62 1.65 -20.21
CA SER A 347 7.01 2.15 -18.89
C SER A 347 7.26 1.03 -17.85
N TRP A 348 6.52 -0.07 -17.98
CA TRP A 348 6.63 -1.19 -17.02
C TRP A 348 7.77 -2.19 -17.30
N ILE A 349 8.41 -2.07 -18.46
CA ILE A 349 9.55 -2.94 -18.81
C ILE A 349 10.76 -2.66 -17.90
N PRO A 350 11.21 -1.39 -17.78
CA PRO A 350 12.30 -1.08 -16.85
C PRO A 350 12.11 -1.66 -15.44
N HIS A 351 10.91 -1.47 -14.87
CA HIS A 351 10.62 -1.91 -13.51
C HIS A 351 10.51 -3.43 -13.38
N GLN A 352 9.79 -4.06 -14.32
CA GLN A 352 9.64 -5.52 -14.28
C GLN A 352 11.00 -6.23 -14.32
N ILE A 353 11.96 -5.64 -15.03
CA ILE A 353 13.34 -6.12 -15.05
C ILE A 353 13.97 -6.05 -13.65
N PHE A 354 13.85 -4.90 -12.98
CA PHE A 354 14.49 -4.73 -11.66
C PHE A 354 13.74 -5.39 -10.50
N THR A 355 12.42 -5.52 -10.60
CA THR A 355 11.64 -6.26 -9.59
C THR A 355 11.82 -7.77 -9.74
N PHE A 356 12.10 -8.24 -10.96
CA PHE A 356 12.56 -9.61 -11.16
C PHE A 356 13.90 -9.78 -10.44
N LEU A 357 14.86 -8.92 -10.77
CA LEU A 357 16.18 -8.92 -10.12
C LEU A 357 16.10 -8.85 -8.59
N ASP A 358 15.15 -8.09 -8.06
CA ASP A 358 14.95 -7.99 -6.60
C ASP A 358 14.50 -9.33 -5.99
N VAL A 359 13.69 -10.07 -6.74
CA VAL A 359 13.23 -11.41 -6.31
C VAL A 359 14.39 -12.43 -6.28
N LEU A 360 15.39 -12.26 -7.15
CA LEU A 360 16.65 -13.04 -7.05
C LEU A 360 17.43 -12.68 -5.78
N ILE A 361 17.44 -11.40 -5.43
CA ILE A 361 18.11 -10.92 -4.19
C ILE A 361 17.39 -11.42 -2.93
N GLN A 362 16.06 -11.32 -2.91
CA GLN A 362 15.26 -11.81 -1.76
C GLN A 362 15.39 -13.32 -1.53
N LEU A 363 15.45 -14.09 -2.62
CA LEU A 363 15.54 -15.55 -2.54
C LEU A 363 16.91 -16.06 -2.01
N GLY A 364 17.95 -15.24 -2.14
CA GLY A 364 19.32 -15.63 -1.77
C GLY A 364 20.12 -16.18 -2.95
N ILE A 365 19.59 -16.04 -4.16
CA ILE A 365 20.27 -16.52 -5.39
C ILE A 365 21.51 -15.67 -5.65
N ILE A 366 21.36 -14.35 -5.52
CA ILE A 366 22.45 -13.40 -5.72
C ILE A 366 22.77 -12.70 -4.40
N ARG A 367 24.06 -12.67 -4.04
CA ARG A 367 24.51 -12.18 -2.73
C ARG A 367 24.99 -10.73 -2.76
N ASP A 368 25.95 -10.46 -3.66
CA ASP A 368 26.71 -9.21 -3.71
C ASP A 368 25.87 -7.98 -3.35
N CYS A 369 26.27 -7.28 -2.29
CA CYS A 369 25.52 -6.11 -1.80
C CYS A 369 25.65 -4.90 -2.72
N ARG A 370 26.72 -4.83 -3.50
CA ARG A 370 26.86 -3.81 -4.54
C ARG A 370 25.79 -4.01 -5.62
N ILE A 371 25.46 -5.26 -5.93
CA ILE A 371 24.36 -5.59 -6.84
C ILE A 371 23.00 -5.24 -6.20
N ALA A 372 22.83 -5.60 -4.92
CA ALA A 372 21.64 -5.20 -4.17
C ALA A 372 21.44 -3.69 -4.23
N ASP A 373 22.49 -2.95 -3.87
CA ASP A 373 22.52 -1.47 -3.92
C ASP A 373 22.02 -0.89 -5.24
N ILE A 374 22.47 -1.49 -6.35
CA ILE A 374 22.07 -1.07 -7.70
C ILE A 374 20.57 -1.28 -7.96
N VAL A 375 20.07 -2.45 -7.58
CA VAL A 375 18.65 -2.79 -7.71
C VAL A 375 17.80 -1.90 -6.79
N ASP A 376 18.20 -1.78 -5.52
CA ASP A 376 17.44 -1.03 -4.52
C ASP A 376 17.37 0.47 -4.81
N THR A 377 18.45 1.04 -5.35
CA THR A 377 18.46 2.43 -5.80
C THR A 377 17.69 2.62 -7.13
N ALA A 378 17.77 1.63 -8.01
CA ALA A 378 17.04 1.65 -9.29
C ALA A 378 15.52 1.60 -9.09
N MET A 379 15.08 0.85 -8.09
CA MET A 379 13.66 0.57 -7.85
C MET A 379 12.77 1.83 -7.81
N PRO A 380 13.04 2.78 -6.88
CA PRO A 380 12.26 4.05 -6.86
C PRO A 380 12.10 4.71 -8.22
N ILE A 381 13.19 4.74 -8.98
CA ILE A 381 13.21 5.43 -10.28
C ILE A 381 12.33 4.69 -11.27
N THR A 382 12.49 3.37 -11.33
CA THR A 382 11.66 2.54 -12.20
C THR A 382 10.17 2.57 -11.82
N ILE A 383 9.87 2.78 -10.54
CA ILE A 383 8.50 2.94 -10.05
C ILE A 383 7.90 4.28 -10.49
N CYS A 384 8.68 5.35 -10.50
CA CYS A 384 8.22 6.65 -11.02
C CYS A 384 7.75 6.54 -12.46
N ILE A 385 8.56 5.85 -13.26
CA ILE A 385 8.31 5.68 -14.71
C ILE A 385 6.98 4.92 -14.91
N ALA A 386 6.81 3.84 -14.15
CA ALA A 386 5.58 3.02 -14.21
C ALA A 386 4.29 3.78 -13.86
N TYR A 387 4.41 4.75 -12.97
CA TYR A 387 3.28 5.58 -12.53
C TYR A 387 3.36 7.04 -13.02
N PHE A 388 4.30 7.34 -13.93
CA PHE A 388 4.38 8.65 -14.61
C PHE A 388 3.21 8.82 -15.58
N ASN A 389 2.65 7.70 -16.04
CA ASN A 389 1.47 7.70 -16.92
C ASN A 389 0.24 8.37 -16.31
N ASN A 390 0.14 8.38 -14.98
CA ASN A 390 -1.02 8.98 -14.30
C ASN A 390 -1.13 10.48 -14.45
N CYS A 391 -0.01 11.17 -14.75
CA CYS A 391 -0.02 12.61 -14.99
C CYS A 391 0.04 13.00 -16.47
N LEU A 392 0.61 12.13 -17.31
CA LEU A 392 0.75 12.42 -18.75
C LEU A 392 -0.33 11.76 -19.62
N ASN A 393 -1.12 10.83 -19.07
CA ASN A 393 -2.31 10.33 -19.77
C ASN A 393 -3.26 11.45 -20.22
N PRO A 394 -3.58 12.42 -19.32
CA PRO A 394 -4.31 13.64 -19.72
C PRO A 394 -3.73 14.42 -20.90
N LEU A 395 -2.40 14.44 -21.03
CA LEU A 395 -1.74 15.14 -22.13
C LEU A 395 -2.01 14.46 -23.47
N PHE A 396 -2.13 13.13 -23.47
CA PHE A 396 -2.52 12.37 -24.66
C PHE A 396 -3.94 12.67 -25.15
N TYR A 397 -4.84 13.10 -24.26
CA TYR A 397 -6.19 13.51 -24.67
C TYR A 397 -6.12 14.75 -25.55
N GLY A 398 -5.30 15.72 -25.16
CA GLY A 398 -5.11 16.97 -25.91
C GLY A 398 -4.97 16.73 -27.40
N PHE A 399 -3.81 16.22 -27.80
CA PHE A 399 -3.58 15.61 -29.13
C PHE A 399 -3.85 16.56 -30.31
C4 OLM B . 2.55 -1.05 -3.62
C3 OLM B . 3.02 0.03 -2.89
O3 OLM B . 10.03 4.10 -3.33
C2 OLM B . 4.21 0.68 -3.24
O2 OLM B . 7.81 0.09 -1.78
C1 OLM B . 4.57 1.78 -2.43
O1 OLM B . 6.89 1.32 -0.25
C20 OLM B . 3.69 4.13 -6.54
C19 OLM B . 4.16 3.30 -5.38
C18 OLM B . 5.04 4.25 -4.59
C15 OLM B . 6.04 3.44 -3.70
N6 OLM B . 7.34 3.73 -3.75
C16 OLM B . 7.95 2.92 -2.90
C22 OLM B . 9.48 2.94 -2.67
C23 OLM B . 9.79 3.08 -1.17
C24 OLM B . 10.13 1.67 -3.26
C17 OLM B . 7.03 2.12 -2.34
C21 OLM B . 7.25 1.15 -1.44
N1 OLM B . 5.82 2.43 -2.84
C7 OLM B . 4.94 0.19 -4.33
C6 OLM B . 4.47 -0.91 -5.06
C5 OLM B . 3.27 -1.55 -4.71
C8 OLM B . 2.79 -2.64 -5.46
C9 OLM B . 2.62 -2.46 -6.83
C10 OLM B . 2.14 -3.49 -7.64
C11 OLM B . 1.82 -4.73 -7.07
C12 OLM B . 1.99 -4.92 -5.70
C13 OLM B . 2.47 -3.89 -4.88
C14 OLM B . 2.61 -4.13 -3.57
N5 OLM B . 3.74 -4.22 -2.90
N4 OLM B . 3.41 -4.42 -1.77
N3 OLM B . 2.10 -4.46 -1.67
N2 OLM B . 1.61 -4.29 -2.73
#